data_5TF2
#
_entry.id   5TF2
#
_cell.length_a   160.708
_cell.length_b   160.708
_cell.length_c   83.014
_cell.angle_alpha   90.000
_cell.angle_beta   90.000
_cell.angle_gamma   120.000
#
_symmetry.space_group_name_H-M   'P 64 2 2'
#
loop_
_entity.id
_entity.type
_entity.pdbx_description
1 polymer 'Prolactin regulatory element-binding protein'
2 non-polymer 'UNKNOWN ATOM OR ION'
3 water water
#
_entity_poly.entity_id   1
_entity_poly.type   'polypeptide(L)'
_entity_poly.pdbx_seq_one_letter_code
;MHHHHHHSSGRENLYFQGMGRRRAPELYRAPFPLYALQVDPSTGLLIAAGGGGAAKTGIKNGVHFLQLELINGRLSASLL
HSHDTETRATMNLALAGDILAAGQDAHCQLLRFQAHQQQGNKAEKAGSKEQGPRQRKGAAPAEKKCGAETQHEGLELRVE
NLQAVQTDFSSDPLQKVVCFNHDNTLLATGGTDGYVRVWKVPSLEKVLEFKAHEGEIEDLALGPDGKLVTVGRDLKASVW
QKDQLVTQLHWQENGPTFSSTPYRYQACRFGQVPDQPAGLRLFTVQIPHKRLRQPPPCYLTAWDGSNFLPLRTKSCGHEV
VSCLDVSESGTFLGLGTVTGSVAIYIAFSLQCLYYVREAHGIVVTDVAFLPEKGRGPELLGSHETALFSVAVDSRCQLHL
LPSRRSV
;
_entity_poly.pdbx_strand_id   A
#
# COMPACT_ATOMS: atom_id res chain seq x y z
N GLU A 26 -16.40 4.98 -13.38
CA GLU A 26 -15.05 4.37 -13.18
C GLU A 26 -14.03 4.94 -14.16
N LEU A 27 -12.77 4.96 -13.74
CA LEU A 27 -11.68 5.38 -14.60
C LEU A 27 -11.25 4.27 -15.56
N TYR A 28 -11.21 3.04 -15.05
CA TYR A 28 -10.78 1.88 -15.82
C TYR A 28 -11.36 0.61 -15.21
N ARG A 29 -11.73 -0.34 -16.06
CA ARG A 29 -12.16 -1.68 -15.62
C ARG A 29 -11.20 -2.66 -16.23
N ALA A 30 -10.45 -3.36 -15.40
CA ALA A 30 -9.48 -4.34 -15.87
C ALA A 30 -10.18 -5.68 -16.14
N PRO A 31 -9.50 -6.60 -16.87
CA PRO A 31 -10.07 -7.92 -17.13
C PRO A 31 -10.07 -8.90 -15.95
N PHE A 32 -9.52 -8.49 -14.80
CA PHE A 32 -9.44 -9.33 -13.61
C PHE A 32 -9.55 -8.47 -12.35
N PRO A 33 -9.85 -9.10 -11.19
CA PRO A 33 -9.87 -8.39 -9.91
C PRO A 33 -8.54 -7.73 -9.65
N LEU A 34 -8.57 -6.50 -9.11
CA LEU A 34 -7.36 -5.72 -8.85
C LEU A 34 -6.98 -5.79 -7.38
N TYR A 35 -5.67 -5.94 -7.13
CA TYR A 35 -5.11 -6.08 -5.79
C TYR A 35 -4.09 -5.02 -5.38
N ALA A 36 -3.57 -4.24 -6.33
CA ALA A 36 -2.45 -3.37 -6.05
C ALA A 36 -2.34 -2.25 -7.07
N LEU A 37 -1.85 -1.12 -6.59
CA LEU A 37 -1.79 0.09 -7.39
C LEU A 37 -0.49 0.83 -7.16
N GLN A 38 0.10 1.35 -8.24
CA GLN A 38 1.20 2.31 -8.14
C GLN A 38 1.07 3.36 -9.22
N VAL A 39 1.49 4.58 -8.90
CA VAL A 39 1.48 5.68 -9.84
C VAL A 39 2.90 6.19 -9.98
N ASP A 40 3.43 6.14 -11.20
CA ASP A 40 4.78 6.63 -11.47
C ASP A 40 4.72 8.13 -11.77
N PRO A 41 5.40 8.95 -10.95
CA PRO A 41 5.41 10.40 -11.22
C PRO A 41 6.10 10.80 -12.53
N SER A 42 7.25 10.19 -12.82
CA SER A 42 8.05 10.58 -13.99
C SER A 42 7.38 10.25 -15.34
N THR A 43 6.88 9.03 -15.50
CA THR A 43 6.17 8.62 -16.73
C THR A 43 4.69 9.01 -16.75
N GLY A 44 4.11 9.30 -15.57
CA GLY A 44 2.68 9.57 -15.45
C GLY A 44 1.81 8.35 -15.64
N LEU A 45 2.37 7.17 -15.34
CA LEU A 45 1.70 5.90 -15.58
C LEU A 45 1.01 5.41 -14.34
N LEU A 46 -0.18 4.85 -14.55
CA LEU A 46 -0.95 4.23 -13.50
C LEU A 46 -0.81 2.74 -13.69
N ILE A 47 -0.27 2.08 -12.67
CA ILE A 47 0.10 0.66 -12.76
C ILE A 47 -0.83 -0.13 -11.86
N ALA A 48 -1.75 -0.88 -12.46
CA ALA A 48 -2.77 -1.61 -11.72
C ALA A 48 -2.55 -3.10 -11.91
N ALA A 49 -2.49 -3.84 -10.81
CA ALA A 49 -2.13 -5.25 -10.81
C ALA A 49 -3.14 -6.11 -10.09
N GLY A 50 -3.33 -7.33 -10.56
CA GLY A 50 -4.27 -8.28 -9.96
C GLY A 50 -4.35 -9.61 -10.67
N GLY A 51 -5.44 -10.33 -10.44
CA GLY A 51 -5.66 -11.62 -11.08
C GLY A 51 -6.78 -12.46 -10.50
N GLY A 52 -6.81 -13.72 -10.91
CA GLY A 52 -7.90 -14.63 -10.60
C GLY A 52 -9.13 -14.33 -11.45
N GLY A 53 -8.89 -13.85 -12.68
CA GLY A 53 -9.96 -13.54 -13.61
C GLY A 53 -10.40 -14.78 -14.36
N ALA A 54 -11.71 -15.04 -14.37
CA ALA A 54 -12.28 -16.12 -15.16
C ALA A 54 -12.49 -15.63 -16.59
N ALA A 55 -11.66 -16.12 -17.51
CA ALA A 55 -11.74 -15.74 -18.93
C ALA A 55 -11.23 -16.88 -19.80
N LYS A 56 -12.01 -17.23 -20.84
CA LYS A 56 -11.70 -18.36 -21.71
C LYS A 56 -10.33 -18.18 -22.40
N THR A 57 -10.24 -17.17 -23.26
CA THR A 57 -8.97 -16.72 -23.85
C THR A 57 -8.61 -15.34 -23.29
N GLY A 58 -7.34 -14.95 -23.44
CA GLY A 58 -6.85 -13.63 -23.04
C GLY A 58 -5.93 -13.67 -21.83
N ILE A 59 -6.41 -13.18 -20.70
CA ILE A 59 -5.57 -12.96 -19.52
C ILE A 59 -6.37 -13.11 -18.21
N LYS A 60 -5.88 -13.99 -17.34
CA LYS A 60 -6.46 -14.23 -16.02
C LYS A 60 -5.70 -13.49 -14.90
N ASN A 61 -4.41 -13.21 -15.12
CA ASN A 61 -3.56 -12.51 -14.13
C ASN A 61 -2.58 -11.57 -14.84
N GLY A 62 -2.36 -10.38 -14.28
CA GLY A 62 -1.36 -9.47 -14.85
C GLY A 62 -1.21 -8.11 -14.20
N VAL A 63 -0.36 -7.29 -14.83
CA VAL A 63 -0.10 -5.90 -14.46
C VAL A 63 -0.41 -5.04 -15.67
N HIS A 64 -1.34 -4.10 -15.52
CA HIS A 64 -1.74 -3.22 -16.61
C HIS A 64 -1.19 -1.83 -16.39
N PHE A 65 -0.58 -1.27 -17.41
CA PHE A 65 0.02 0.06 -17.37
C PHE A 65 -0.89 1.00 -18.14
N LEU A 66 -1.38 2.05 -17.47
CA LEU A 66 -2.37 2.95 -18.04
C LEU A 66 -1.83 4.39 -18.21
N GLN A 67 -1.94 4.93 -19.42
CA GLN A 67 -1.55 6.30 -19.67
C GLN A 67 -2.65 7.21 -19.15
N LEU A 68 -2.27 8.15 -18.29
CA LEU A 68 -3.20 9.16 -17.79
C LEU A 68 -3.08 10.40 -18.67
N GLU A 69 -4.21 10.80 -19.26
CA GLU A 69 -4.24 11.97 -20.14
C GLU A 69 -5.46 12.83 -19.78
N LEU A 70 -5.23 14.13 -19.65
CA LEU A 70 -6.29 15.10 -19.42
C LEU A 70 -7.04 15.28 -20.75
N ILE A 71 -8.36 15.15 -20.74
CA ILE A 71 -9.18 15.19 -21.97
C ILE A 71 -10.52 15.92 -21.74
N ASN A 72 -10.71 17.03 -22.47
CA ASN A 72 -11.97 17.82 -22.43
C ASN A 72 -12.40 18.25 -21.03
N ARG A 74 -10.97 17.09 -17.72
CA ARG A 74 -11.49 15.79 -17.28
C ARG A 74 -10.41 14.70 -17.42
N LEU A 75 -9.99 14.15 -16.28
CA LEU A 75 -8.90 13.18 -16.26
C LEU A 75 -9.39 11.83 -16.79
N SER A 76 -8.53 11.15 -17.54
CA SER A 76 -8.92 9.91 -18.23
C SER A 76 -7.75 8.93 -18.29
N ALA A 77 -8.09 7.65 -18.27
CA ALA A 77 -7.11 6.56 -18.29
C ALA A 77 -7.33 5.64 -19.47
N SER A 78 -6.24 5.04 -19.93
CA SER A 78 -6.19 4.34 -21.19
C SER A 78 -5.10 3.26 -21.15
N LEU A 79 -5.44 2.04 -21.52
CA LEU A 79 -4.50 0.90 -21.44
C LEU A 79 -3.37 1.08 -22.44
N LEU A 80 -2.14 1.12 -21.93
CA LEU A 80 -0.95 1.27 -22.76
C LEU A 80 -0.32 -0.09 -23.01
N HIS A 81 -0.04 -0.83 -21.94
CA HIS A 81 0.56 -2.16 -22.03
C HIS A 81 -0.05 -3.12 -21.02
N SER A 82 -0.28 -4.35 -21.45
CA SER A 82 -0.79 -5.41 -20.61
C SER A 82 0.28 -6.48 -20.45
N HIS A 83 0.83 -6.57 -19.25
CA HIS A 83 1.88 -7.55 -18.94
C HIS A 83 1.28 -8.79 -18.26
N ASP A 84 1.33 -9.93 -18.94
CA ASP A 84 0.74 -11.18 -18.44
C ASP A 84 1.65 -11.83 -17.41
N THR A 85 1.08 -12.29 -16.29
CA THR A 85 1.82 -13.01 -15.24
C THR A 85 1.44 -14.50 -15.17
N GLU A 86 1.01 -15.06 -16.30
CA GLU A 86 0.69 -16.47 -16.45
C GLU A 86 -0.45 -16.87 -15.50
N THR A 87 -0.20 -17.79 -14.58
CA THR A 87 -1.17 -18.25 -13.58
C THR A 87 -1.02 -17.54 -12.23
N ARG A 88 -0.08 -16.61 -12.13
CA ARG A 88 0.28 -15.98 -10.86
C ARG A 88 -0.39 -14.63 -10.66
N ALA A 89 -1.28 -14.53 -9.67
CA ALA A 89 -1.93 -13.26 -9.35
C ALA A 89 -0.96 -12.34 -8.59
N THR A 90 -0.77 -11.14 -9.15
CA THR A 90 0.02 -10.12 -8.48
C THR A 90 -0.81 -9.51 -7.36
N MET A 91 -0.35 -9.69 -6.11
CA MET A 91 -1.09 -9.29 -4.91
C MET A 91 -0.61 -7.99 -4.29
N ASN A 92 0.63 -7.60 -4.58
CA ASN A 92 1.20 -6.36 -4.07
C ASN A 92 2.30 -5.83 -4.96
N LEU A 93 2.54 -4.52 -4.84
CA LEU A 93 3.49 -3.80 -5.68
C LEU A 93 4.31 -2.83 -4.88
N ALA A 94 5.54 -2.59 -5.34
CA ALA A 94 6.34 -1.47 -4.88
C ALA A 94 7.08 -0.93 -6.08
N LEU A 95 7.35 0.37 -6.06
CA LEU A 95 7.92 1.07 -7.20
C LEU A 95 9.20 1.80 -6.79
N ALA A 96 10.21 1.73 -7.66
CA ALA A 96 11.50 2.37 -7.41
C ALA A 96 12.13 2.76 -8.73
N GLY A 97 12.02 4.04 -9.08
CA GLY A 97 12.49 4.54 -10.37
C GLY A 97 11.75 3.85 -11.50
N ASP A 98 12.51 3.07 -12.27
CA ASP A 98 11.98 2.32 -13.41
C ASP A 98 11.80 0.84 -13.09
N ILE A 99 11.93 0.49 -11.81
CA ILE A 99 11.82 -0.89 -11.35
C ILE A 99 10.55 -1.08 -10.54
N LEU A 100 9.85 -2.16 -10.85
CA LEU A 100 8.62 -2.51 -10.19
C LEU A 100 8.85 -3.87 -9.55
N ALA A 101 8.54 -3.97 -8.25
CA ALA A 101 8.57 -5.22 -7.51
C ALA A 101 7.13 -5.70 -7.34
N ALA A 102 6.87 -6.96 -7.68
CA ALA A 102 5.50 -7.50 -7.71
C ALA A 102 5.41 -8.82 -6.96
N GLY A 103 4.63 -8.85 -5.89
CA GLY A 103 4.37 -10.09 -5.16
C GLY A 103 3.44 -10.98 -5.96
N GLN A 104 3.87 -12.21 -6.23
CA GLN A 104 3.08 -13.19 -6.98
C GLN A 104 3.17 -14.53 -6.29
N ASP A 105 2.04 -15.08 -5.85
CA ASP A 105 2.02 -16.23 -4.96
C ASP A 105 3.02 -15.98 -3.82
N ALA A 106 3.99 -16.88 -3.59
CA ALA A 106 4.99 -16.71 -2.53
C ALA A 106 6.32 -16.13 -3.04
N HIS A 107 6.27 -15.38 -4.14
CA HIS A 107 7.47 -14.84 -4.79
C HIS A 107 7.39 -13.32 -4.97
N CYS A 108 8.55 -12.71 -5.09
CA CYS A 108 8.66 -11.32 -5.50
C CYS A 108 9.33 -11.32 -6.86
N GLN A 109 8.68 -10.70 -7.83
CA GLN A 109 9.19 -10.58 -9.19
C GLN A 109 9.60 -9.15 -9.39
N LEU A 110 10.73 -8.91 -10.05
CA LEU A 110 11.13 -7.56 -10.44
C LEU A 110 10.93 -7.35 -11.94
N LEU A 111 10.52 -6.13 -12.31
CA LEU A 111 10.35 -5.74 -13.70
C LEU A 111 10.95 -4.37 -13.91
N ARG A 112 11.58 -4.15 -15.06
CA ARG A 112 12.00 -2.82 -15.48
C ARG A 112 11.03 -2.33 -16.55
N PHE A 113 10.65 -1.05 -16.50
CA PHE A 113 9.73 -0.49 -17.49
C PHE A 113 10.20 0.90 -17.94
N GLN A 114 10.11 1.13 -19.25
CA GLN A 114 10.52 2.40 -19.88
C GLN A 114 9.63 2.68 -21.09
N ALA A 115 9.43 3.99 -21.37
CA ALA A 115 8.56 4.44 -22.45
C ALA A 115 9.32 4.85 -23.72
N HIS A 116 8.84 4.38 -24.89
CA HIS A 116 9.29 4.81 -26.23
C HIS A 116 10.77 4.54 -26.53
N LEU A 155 3.06 6.15 -28.43
CA LEU A 155 3.92 5.90 -27.28
C LEU A 155 3.95 4.40 -26.94
N GLU A 156 5.12 3.78 -27.13
CA GLU A 156 5.33 2.37 -26.75
C GLU A 156 5.78 2.26 -25.29
N LEU A 157 5.66 1.07 -24.70
CA LEU A 157 6.23 0.78 -23.39
C LEU A 157 6.97 -0.56 -23.42
N ARG A 158 8.27 -0.54 -23.14
CA ARG A 158 9.10 -1.75 -23.09
C ARG A 158 9.22 -2.24 -21.64
N VAL A 159 8.72 -3.46 -21.37
CA VAL A 159 8.74 -4.06 -20.02
C VAL A 159 9.58 -5.33 -20.00
N GLU A 160 10.76 -5.27 -19.39
CA GLU A 160 11.63 -6.45 -19.22
C GLU A 160 11.39 -7.14 -17.86
N ASN A 161 11.32 -8.47 -17.88
CA ASN A 161 11.42 -9.25 -16.64
C ASN A 161 12.85 -9.25 -16.13
N LEU A 162 13.00 -9.14 -14.81
CA LEU A 162 14.28 -9.32 -14.16
C LEU A 162 14.16 -10.53 -13.24
N GLN A 163 14.92 -10.55 -12.15
CA GLN A 163 14.93 -11.70 -11.24
C GLN A 163 13.66 -11.80 -10.41
N ALA A 164 13.47 -13.01 -9.88
CA ALA A 164 12.44 -13.27 -8.88
C ALA A 164 13.08 -14.09 -7.78
N VAL A 165 12.44 -14.09 -6.61
CA VAL A 165 12.92 -14.88 -5.50
C VAL A 165 11.74 -15.26 -4.63
N GLN A 166 11.81 -16.43 -4.00
CA GLN A 166 10.76 -16.84 -3.09
C GLN A 166 10.99 -16.15 -1.76
N THR A 167 9.94 -15.54 -1.22
CA THR A 167 10.01 -14.74 0.00
C THR A 167 9.18 -15.27 1.18
N ASP A 168 8.33 -16.27 0.96
CA ASP A 168 7.53 -16.85 2.04
C ASP A 168 7.58 -18.38 1.94
N PHE A 169 7.62 -19.04 3.09
CA PHE A 169 7.83 -20.50 3.16
C PHE A 169 6.98 -21.16 4.24
N SER A 170 5.69 -20.82 4.33
CA SER A 170 4.75 -21.61 5.13
C SER A 170 4.23 -22.78 4.29
N SER A 171 3.40 -23.63 4.91
CA SER A 171 2.74 -24.72 4.19
C SER A 171 1.61 -24.24 3.24
N ASP A 172 1.22 -22.97 3.37
CA ASP A 172 0.28 -22.32 2.44
C ASP A 172 0.80 -20.88 2.20
N PRO A 173 1.92 -20.77 1.48
CA PRO A 173 2.71 -19.53 1.47
C PRO A 173 2.18 -18.44 0.54
N LEU A 174 2.44 -17.21 0.92
CA LEU A 174 2.02 -16.03 0.17
C LEU A 174 2.81 -14.82 0.66
N GLN A 175 3.32 -14.02 -0.27
CA GLN A 175 3.92 -12.74 0.06
C GLN A 175 2.78 -11.74 0.24
N LYS A 176 2.80 -11.00 1.33
CA LYS A 176 1.70 -10.08 1.67
C LYS A 176 2.04 -8.60 1.55
N VAL A 177 3.33 -8.26 1.56
CA VAL A 177 3.74 -6.87 1.46
C VAL A 177 5.18 -6.82 0.96
N VAL A 178 5.50 -5.76 0.24
CA VAL A 178 6.84 -5.48 -0.25
C VAL A 178 7.04 -3.95 -0.32
N CYS A 179 8.24 -3.50 0.00
CA CYS A 179 8.62 -2.11 -0.28
C CYS A 179 10.12 -1.95 -0.40
N PHE A 180 10.52 -0.81 -0.96
CA PHE A 180 11.93 -0.46 -1.09
C PHE A 180 12.38 0.38 0.11
N ASN A 181 13.68 0.39 0.38
CA ASN A 181 14.26 1.42 1.25
C ASN A 181 14.30 2.71 0.43
N HIS A 182 14.76 3.82 1.00
CA HIS A 182 14.72 5.07 0.24
C HIS A 182 15.54 5.08 -1.06
N ASP A 183 16.78 4.61 -0.98
CA ASP A 183 17.70 4.71 -2.13
C ASP A 183 17.46 3.58 -3.15
N ASN A 184 16.47 2.71 -2.89
CA ASN A 184 16.12 1.62 -3.78
C ASN A 184 17.26 0.64 -3.97
N THR A 185 18.08 0.50 -2.92
CA THR A 185 19.18 -0.46 -2.89
C THR A 185 18.75 -1.74 -2.19
N LEU A 186 17.71 -1.65 -1.36
CA LEU A 186 17.18 -2.77 -0.63
C LEU A 186 15.69 -2.93 -0.87
N LEU A 187 15.23 -4.16 -0.68
CA LEU A 187 13.85 -4.56 -0.82
C LEU A 187 13.50 -5.36 0.42
N ALA A 188 12.39 -5.03 1.08
CA ALA A 188 11.93 -5.78 2.26
C ALA A 188 10.59 -6.43 1.97
N THR A 189 10.43 -7.70 2.38
CA THR A 189 9.20 -8.45 2.13
C THR A 189 8.67 -9.10 3.39
N GLY A 190 7.38 -9.43 3.37
CA GLY A 190 6.74 -10.09 4.52
C GLY A 190 5.52 -10.88 4.10
N GLY A 191 5.29 -12.01 4.75
CA GLY A 191 4.21 -12.92 4.38
C GLY A 191 3.69 -13.78 5.51
N THR A 192 3.07 -14.89 5.13
CA THR A 192 2.37 -15.78 6.08
C THR A 192 3.30 -16.41 7.13
N ASP A 193 4.57 -16.64 6.77
CA ASP A 193 5.48 -17.35 7.67
C ASP A 193 6.03 -16.51 8.84
N GLY A 194 5.77 -15.20 8.85
CA GLY A 194 6.20 -14.32 9.92
C GLY A 194 7.62 -13.79 9.80
N TYR A 195 8.33 -14.13 8.72
CA TYR A 195 9.71 -13.69 8.54
C TYR A 195 9.82 -12.48 7.62
N VAL A 196 10.57 -11.49 8.06
CA VAL A 196 10.98 -10.38 7.21
C VAL A 196 12.24 -10.79 6.52
N ARG A 197 12.29 -10.60 5.21
CA ARG A 197 13.48 -10.88 4.44
C ARG A 197 13.85 -9.62 3.69
N VAL A 198 15.15 -9.33 3.63
CA VAL A 198 15.64 -8.14 2.96
C VAL A 198 16.61 -8.56 1.86
N TRP A 199 16.45 -7.94 0.69
CA TRP A 199 17.09 -8.35 -0.56
C TRP A 199 17.79 -7.16 -1.21
N LYS A 200 18.97 -7.39 -1.79
CA LYS A 200 19.64 -6.37 -2.60
C LYS A 200 18.89 -6.21 -3.91
N VAL A 201 18.96 -5.00 -4.48
CA VAL A 201 18.27 -4.66 -5.72
C VAL A 201 19.33 -4.23 -6.72
N PRO A 202 19.37 -4.77 -7.95
CA PRO A 202 18.38 -5.72 -8.52
C PRO A 202 18.73 -7.22 -8.39
N SER A 203 19.80 -7.56 -7.67
CA SER A 203 20.30 -8.94 -7.67
C SER A 203 19.42 -9.92 -6.89
N LEU A 204 18.62 -9.41 -5.95
CA LEU A 204 17.85 -10.24 -5.00
C LEU A 204 18.72 -11.24 -4.20
N GLU A 205 19.95 -10.81 -3.90
CA GLU A 205 20.79 -11.48 -2.94
C GLU A 205 20.18 -11.19 -1.58
N LYS A 206 19.91 -12.24 -0.82
CA LYS A 206 19.33 -12.08 0.50
C LYS A 206 20.37 -11.52 1.44
N VAL A 207 20.03 -10.42 2.12
CA VAL A 207 20.92 -9.79 3.11
C VAL A 207 20.44 -9.91 4.56
N LEU A 208 19.14 -10.11 4.78
CA LEU A 208 18.60 -10.36 6.12
C LEU A 208 17.46 -11.34 6.07
N GLU A 209 17.21 -11.98 7.20
CA GLU A 209 16.13 -12.91 7.38
C GLU A 209 15.97 -13.05 8.88
N PHE A 210 14.77 -12.79 9.38
CA PHE A 210 14.49 -12.96 10.80
C PHE A 210 13.00 -13.05 11.07
N LYS A 211 12.66 -13.73 12.16
CA LYS A 211 11.27 -13.86 12.61
C LYS A 211 10.85 -12.52 13.22
N ALA A 212 9.88 -11.87 12.59
CA ALA A 212 9.31 -10.62 13.08
C ALA A 212 8.01 -10.82 13.85
N HIS A 213 7.23 -11.84 13.48
CA HIS A 213 5.96 -12.13 14.15
C HIS A 213 5.68 -13.63 14.24
N GLU A 214 4.81 -13.97 15.18
CA GLU A 214 4.37 -15.34 15.40
C GLU A 214 3.24 -15.76 14.45
N GLY A 215 2.71 -14.81 13.68
CA GLY A 215 1.74 -15.13 12.64
C GLY A 215 2.11 -14.48 11.32
N GLU A 216 1.09 -14.24 10.50
CA GLU A 216 1.28 -13.62 9.20
C GLU A 216 1.64 -12.16 9.40
N ILE A 217 2.49 -11.64 8.52
CA ILE A 217 2.81 -10.23 8.49
C ILE A 217 1.72 -9.55 7.64
N GLU A 218 1.08 -8.53 8.20
CA GLU A 218 0.02 -7.80 7.50
C GLU A 218 0.55 -6.62 6.72
N ASP A 219 1.52 -5.89 7.26
CA ASP A 219 2.12 -4.76 6.55
C ASP A 219 3.53 -4.54 7.08
N LEU A 220 4.27 -3.72 6.34
CA LEU A 220 5.54 -3.23 6.82
C LEU A 220 5.92 -1.94 6.09
N ALA A 221 6.93 -1.25 6.63
CA ALA A 221 7.36 0.03 6.09
C ALA A 221 8.79 0.32 6.50
N LEU A 222 9.64 0.64 5.52
CA LEU A 222 10.99 1.15 5.79
C LEU A 222 10.92 2.67 5.90
N GLY A 223 11.29 3.20 7.07
CA GLY A 223 11.22 4.63 7.33
C GLY A 223 12.56 5.34 7.08
N PRO A 224 12.61 6.64 7.38
N PRO A 224 12.60 6.67 7.32
CA PRO A 224 13.90 7.32 7.41
CA PRO A 224 13.71 7.59 7.05
C PRO A 224 14.83 6.77 8.50
C PRO A 224 15.12 7.26 7.55
N ASP A 225 16.11 7.10 8.37
N ASP A 225 15.28 6.76 8.78
CA ASP A 225 17.17 6.57 9.24
CA ASP A 225 16.64 6.56 9.32
C ASP A 225 17.06 5.07 9.46
C ASP A 225 16.97 5.09 9.47
N GLY A 226 16.67 4.33 8.41
CA GLY A 226 16.75 2.86 8.42
C GLY A 226 15.74 2.04 9.17
N LYS A 227 14.79 2.67 9.88
CA LYS A 227 13.92 1.94 10.78
C LYS A 227 12.90 1.13 9.95
N LEU A 228 12.62 -0.10 10.40
CA LEU A 228 11.58 -0.94 9.81
C LEU A 228 10.44 -1.14 10.82
N VAL A 229 9.21 -0.88 10.39
CA VAL A 229 8.03 -1.19 11.19
C VAL A 229 7.31 -2.37 10.56
N THR A 230 6.89 -3.31 11.38
CA THR A 230 6.13 -4.48 10.94
C THR A 230 4.93 -4.69 11.86
N VAL A 231 3.83 -5.15 11.26
CA VAL A 231 2.62 -5.45 12.00
C VAL A 231 2.13 -6.84 11.60
N GLY A 232 1.78 -7.66 12.59
CA GLY A 232 1.32 -9.02 12.35
C GLY A 232 -0.05 -9.34 12.95
N ARG A 233 -0.51 -10.55 12.64
CA ARG A 233 -1.70 -11.14 13.26
C ARG A 233 -1.50 -11.52 14.71
N ASP A 234 -0.25 -11.56 15.17
CA ASP A 234 0.04 -11.76 16.60
C ASP A 234 -0.22 -10.51 17.47
N LEU A 235 -0.93 -9.52 16.92
CA LEU A 235 -1.36 -8.30 17.62
C LEU A 235 -0.23 -7.32 17.95
N LYS A 236 1.00 -7.60 17.53
CA LYS A 236 2.15 -6.80 17.88
C LYS A 236 2.51 -5.89 16.70
N ALA A 237 3.07 -4.73 17.03
CA ALA A 237 3.67 -3.83 16.07
C ALA A 237 5.10 -3.58 16.55
N SER A 238 6.07 -3.93 15.70
CA SER A 238 7.47 -3.95 16.10
C SER A 238 8.27 -3.01 15.22
N VAL A 239 9.28 -2.38 15.82
CA VAL A 239 10.16 -1.43 15.16
C VAL A 239 11.57 -2.01 15.21
N TRP A 240 12.23 -2.08 14.07
CA TRP A 240 13.50 -2.80 13.93
C TRP A 240 14.60 -1.92 13.35
N GLN A 241 15.84 -2.25 13.73
CA GLN A 241 17.04 -1.71 13.12
C GLN A 241 17.81 -2.93 12.64
N LYS A 242 17.94 -3.10 11.33
CA LYS A 242 18.35 -4.38 10.73
C LYS A 242 17.49 -5.51 11.30
N ASP A 243 18.07 -6.48 12.00
CA ASP A 243 17.29 -7.57 12.63
C ASP A 243 17.13 -7.41 14.15
N GLN A 244 17.53 -6.26 14.69
CA GLN A 244 17.47 -5.99 16.11
C GLN A 244 16.21 -5.17 16.46
N LEU A 245 15.43 -5.67 17.43
CA LEU A 245 14.21 -4.98 17.85
C LEU A 245 14.57 -3.71 18.62
N VAL A 246 14.07 -2.57 18.13
CA VAL A 246 14.29 -1.28 18.77
C VAL A 246 13.27 -1.08 19.89
N THR A 247 12.01 -1.30 19.57
CA THR A 247 10.89 -1.13 20.50
C THR A 247 9.65 -1.75 19.88
N GLN A 248 8.60 -1.86 20.68
CA GLN A 248 7.27 -2.16 20.17
C GLN A 248 6.36 -0.99 20.45
N LEU A 249 5.23 -0.97 19.73
CA LEU A 249 4.16 -0.02 19.95
C LEU A 249 3.13 -0.69 20.83
N HIS A 250 2.70 -0.02 21.89
CA HIS A 250 1.91 -0.64 22.97
C HIS A 250 0.45 -0.16 23.10
N TRP A 251 0.01 0.72 22.19
CA TRP A 251 -1.41 1.15 22.06
C TRP A 251 -2.45 0.03 22.38
N GLN A 252 -2.23 -1.13 21.76
CA GLN A 252 -3.16 -2.29 21.78
C GLN A 252 -3.53 -2.88 23.15
N GLU A 253 -2.71 -2.61 24.18
CA GLU A 253 -2.88 -3.19 25.50
C GLU A 253 -3.67 -2.23 26.36
N PRO A 256 -9.58 -2.35 28.82
CA PRO A 256 -10.51 -2.74 29.89
C PRO A 256 -10.57 -4.24 30.18
N THR A 257 -11.26 -4.60 31.27
CA THR A 257 -11.46 -5.99 31.69
C THR A 257 -12.44 -6.71 30.77
N PHE A 258 -13.55 -6.02 30.48
CA PHE A 258 -14.59 -6.52 29.57
C PHE A 258 -14.38 -6.01 28.14
N SER A 259 -13.13 -6.01 27.64
CA SER A 259 -12.85 -5.66 26.25
C SER A 259 -13.34 -6.80 25.37
N SER A 260 -14.39 -6.54 24.59
CA SER A 260 -15.02 -7.53 23.69
C SER A 260 -14.02 -8.19 22.70
N THR A 261 -13.04 -7.42 22.23
CA THR A 261 -12.01 -7.94 21.35
C THR A 261 -10.71 -7.14 21.50
N PRO A 262 -9.55 -7.82 21.36
CA PRO A 262 -8.31 -7.07 21.19
C PRO A 262 -8.21 -6.50 19.80
N TYR A 263 -7.42 -5.45 19.65
CA TYR A 263 -7.14 -4.83 18.38
C TYR A 263 -5.87 -5.40 17.81
N ARG A 264 -5.81 -5.45 16.48
CA ARG A 264 -4.57 -5.75 15.78
C ARG A 264 -4.25 -4.65 14.80
N TYR A 265 -2.95 -4.41 14.61
CA TYR A 265 -2.50 -3.39 13.67
C TYR A 265 -2.63 -4.00 12.28
N GLN A 266 -3.27 -3.26 11.38
CA GLN A 266 -3.53 -3.72 10.02
C GLN A 266 -2.64 -3.03 8.98
N ALA A 267 -2.21 -1.80 9.22
CA ALA A 267 -1.36 -1.08 8.28
C ALA A 267 -0.34 -0.22 9.03
N CYS A 268 0.72 0.17 8.31
CA CYS A 268 1.76 1.04 8.86
C CYS A 268 2.53 1.76 7.76
N ARG A 269 2.62 3.09 7.87
CA ARG A 269 3.26 3.95 6.87
C ARG A 269 3.96 5.11 7.50
N PHE A 270 5.20 5.35 7.11
CA PHE A 270 5.87 6.60 7.45
C PHE A 270 5.43 7.71 6.50
N GLY A 271 5.43 8.93 7.03
CA GLY A 271 5.18 10.14 6.25
C GLY A 271 5.92 11.31 6.84
N GLN A 272 6.41 12.18 5.97
CA GLN A 272 7.09 13.38 6.40
C GLN A 272 6.17 14.56 6.10
N VAL A 273 5.50 15.08 7.12
CA VAL A 273 4.56 16.20 6.94
C VAL A 273 5.33 17.49 6.62
N PRO A 274 5.10 18.09 5.43
CA PRO A 274 5.93 19.20 4.97
C PRO A 274 5.59 20.53 5.63
N ASP A 275 6.60 21.39 5.75
CA ASP A 275 6.53 22.68 6.44
C ASP A 275 6.29 22.63 7.97
N GLN A 276 6.23 21.43 8.56
CA GLN A 276 6.02 21.23 10.00
C GLN A 276 7.34 20.89 10.70
N PRO A 277 7.73 21.65 11.74
CA PRO A 277 8.99 21.36 12.41
C PRO A 277 9.01 19.99 13.09
N ALA A 278 7.88 19.60 13.68
CA ALA A 278 7.72 18.25 14.25
C ALA A 278 7.04 17.38 13.20
N GLY A 279 7.75 17.15 12.10
CA GLY A 279 7.13 16.62 10.87
C GLY A 279 7.07 15.11 10.70
N LEU A 280 8.10 14.41 11.19
CA LEU A 280 8.26 12.95 10.96
C LEU A 280 7.19 12.14 11.68
N ARG A 281 6.40 11.37 10.92
CA ARG A 281 5.29 10.59 11.47
C ARG A 281 5.33 9.12 11.06
N LEU A 282 4.74 8.28 11.91
CA LEU A 282 4.35 6.92 11.53
C LEU A 282 2.86 6.82 11.71
N PHE A 283 2.16 6.44 10.66
CA PHE A 283 0.72 6.27 10.69
C PHE A 283 0.41 4.79 10.75
N THR A 284 -0.44 4.40 11.69
CA THR A 284 -0.93 3.03 11.78
C THR A 284 -2.44 3.01 11.73
N VAL A 285 -2.98 1.84 11.38
CA VAL A 285 -4.41 1.56 11.47
C VAL A 285 -4.61 0.34 12.36
N GLN A 286 -5.56 0.42 13.28
CA GLN A 286 -5.89 -0.70 14.16
C GLN A 286 -7.33 -1.12 13.89
N ILE A 287 -7.54 -2.44 13.80
CA ILE A 287 -8.85 -3.00 13.55
C ILE A 287 -9.16 -4.07 14.59
N PRO A 288 -10.44 -4.31 14.86
CA PRO A 288 -10.75 -5.43 15.75
C PRO A 288 -10.20 -6.75 15.21
N HIS A 289 -9.55 -7.51 16.07
CA HIS A 289 -8.98 -8.79 15.69
C HIS A 289 -10.04 -9.81 15.30
N LYS A 290 -11.11 -9.85 16.08
CA LYS A 290 -12.29 -10.68 15.80
C LYS A 290 -13.39 -9.81 15.25
N ARG A 291 -14.10 -10.30 14.23
CA ARG A 291 -15.33 -9.64 13.74
C ARG A 291 -16.45 -9.96 14.73
N LEU A 292 -17.16 -8.92 15.17
CA LEU A 292 -18.23 -9.09 16.16
C LEU A 292 -19.55 -8.64 15.60
N ARG A 293 -20.63 -9.09 16.24
CA ARG A 293 -22.00 -8.80 15.84
C ARG A 293 -22.17 -7.30 15.67
N GLN A 294 -21.81 -6.56 16.71
CA GLN A 294 -21.57 -5.13 16.60
C GLN A 294 -20.05 -4.90 16.62
N PRO A 295 -19.47 -4.63 15.44
CA PRO A 295 -18.03 -4.43 15.46
C PRO A 295 -17.67 -3.06 16.06
N PRO A 296 -16.67 -3.02 16.96
CA PRO A 296 -16.17 -1.71 17.40
C PRO A 296 -15.40 -0.99 16.28
N PRO A 297 -15.12 0.31 16.44
CA PRO A 297 -14.52 1.06 15.35
C PRO A 297 -13.06 0.70 15.07
N CYS A 298 -12.62 0.94 13.84
CA CYS A 298 -11.22 0.97 13.51
C CYS A 298 -10.69 2.35 13.89
N TYR A 299 -9.39 2.39 14.19
CA TYR A 299 -8.72 3.61 14.59
C TYR A 299 -7.55 3.91 13.66
N LEU A 300 -7.33 5.19 13.46
CA LEU A 300 -6.21 5.69 12.70
C LEU A 300 -5.34 6.40 13.74
N THR A 301 -4.07 6.01 13.86
CA THR A 301 -3.18 6.59 14.84
C THR A 301 -1.93 7.20 14.21
N ALA A 302 -1.64 8.44 14.60
CA ALA A 302 -0.42 9.14 14.21
C ALA A 302 0.60 9.04 15.34
N TRP A 303 1.77 8.51 15.02
CA TRP A 303 2.86 8.35 15.99
C TRP A 303 3.99 9.29 15.63
N ASP A 304 4.75 9.73 16.63
CA ASP A 304 6.02 10.39 16.38
C ASP A 304 6.91 9.39 15.65
N GLY A 305 7.41 9.79 14.49
CA GLY A 305 8.25 8.92 13.66
C GLY A 305 9.62 8.56 14.20
N SER A 306 10.13 9.37 15.12
CA SER A 306 11.44 9.11 15.75
C SER A 306 11.30 8.51 17.13
N ASN A 307 10.41 9.11 17.94
CA ASN A 307 10.20 8.72 19.35
C ASN A 307 9.15 7.64 19.58
N PHE A 308 8.27 7.38 18.61
CA PHE A 308 7.20 6.37 18.72
C PHE A 308 6.27 6.56 19.91
N LEU A 309 5.85 7.81 20.09
CA LEU A 309 4.78 8.18 20.99
C LEU A 309 3.51 8.36 20.17
N PRO A 310 2.37 7.87 20.70
CA PRO A 310 1.10 8.09 20.03
C PRO A 310 0.62 9.53 20.19
N LEU A 311 0.62 10.28 19.08
CA LEU A 311 0.26 11.69 19.10
C LEU A 311 -1.23 11.97 18.94
N ARG A 312 -1.89 11.22 18.06
N ARG A 312 -1.90 11.17 18.11
CA ARG A 312 -3.32 11.38 17.81
CA ARG A 312 -3.30 11.38 17.82
C ARG A 312 -3.90 10.04 17.38
C ARG A 312 -3.92 10.07 17.35
N THR A 313 -5.04 9.68 17.96
CA THR A 313 -5.80 8.48 17.60
C THR A 313 -7.22 8.94 17.28
N LYS A 314 -7.67 8.64 16.07
CA LYS A 314 -8.99 9.03 15.57
C LYS A 314 -9.73 7.78 15.15
N SER A 315 -10.92 7.57 15.70
CA SER A 315 -11.83 6.54 15.20
C SER A 315 -12.15 6.83 13.75
N CYS A 316 -12.09 5.81 12.89
CA CYS A 316 -12.39 5.99 11.48
C CYS A 316 -13.46 4.99 11.00
N GLY A 317 -14.53 4.86 11.77
CA GLY A 317 -15.68 4.07 11.36
C GLY A 317 -15.63 2.62 11.79
N HIS A 318 -16.78 1.96 11.65
CA HIS A 318 -16.92 0.55 11.95
C HIS A 318 -16.66 -0.35 10.74
N GLU A 319 -16.55 0.23 9.54
CA GLU A 319 -16.18 -0.55 8.37
C GLU A 319 -14.72 -0.95 8.54
N VAL A 320 -14.39 -2.21 8.26
CA VAL A 320 -13.02 -2.68 8.48
C VAL A 320 -12.10 -2.04 7.42
N VAL A 321 -11.06 -1.36 7.87
CA VAL A 321 -10.10 -0.74 6.97
C VAL A 321 -9.27 -1.84 6.32
N SER A 322 -9.15 -1.77 5.00
CA SER A 322 -8.40 -2.75 4.21
C SER A 322 -7.09 -2.24 3.59
N CYS A 323 -6.88 -0.93 3.53
CA CYS A 323 -5.63 -0.37 2.98
C CYS A 323 -5.40 1.08 3.39
N LEU A 324 -4.12 1.46 3.41
CA LEU A 324 -3.65 2.79 3.74
C LEU A 324 -2.61 3.26 2.73
N ASP A 325 -2.57 4.55 2.47
CA ASP A 325 -1.50 5.15 1.65
C ASP A 325 -1.27 6.57 2.13
N VAL A 326 -0.03 7.01 2.03
CA VAL A 326 0.37 8.37 2.35
C VAL A 326 0.80 8.99 1.03
N SER A 327 0.37 10.22 0.79
CA SER A 327 0.77 10.95 -0.42
C SER A 327 2.29 11.13 -0.42
N GLU A 328 2.88 11.23 -1.61
CA GLU A 328 4.33 11.51 -1.74
C GLU A 328 4.71 12.71 -0.84
N SER A 329 3.89 13.76 -0.85
CA SER A 329 4.11 14.92 0.01
C SER A 329 4.11 14.63 1.51
N GLY A 330 3.38 13.62 1.96
CA GLY A 330 3.14 13.40 3.38
C GLY A 330 1.96 14.20 3.91
N THR A 331 1.27 14.93 3.02
CA THR A 331 0.16 15.77 3.42
C THR A 331 -1.12 14.98 3.71
N PHE A 332 -1.37 13.95 2.92
CA PHE A 332 -2.69 13.28 2.86
C PHE A 332 -2.57 11.80 3.15
N LEU A 333 -3.60 11.23 3.79
CA LEU A 333 -3.78 9.78 3.95
C LEU A 333 -4.99 9.31 3.18
N GLY A 334 -4.89 8.13 2.58
CA GLY A 334 -5.99 7.48 1.90
C GLY A 334 -6.31 6.17 2.58
N LEU A 335 -7.60 5.89 2.75
CA LEU A 335 -8.10 4.62 3.28
C LEU A 335 -9.07 3.98 2.30
N GLY A 336 -9.06 2.64 2.29
CA GLY A 336 -10.11 1.84 1.68
C GLY A 336 -10.63 0.86 2.72
N THR A 337 -11.85 0.39 2.53
CA THR A 337 -12.46 -0.58 3.42
C THR A 337 -12.93 -1.85 2.70
N VAL A 338 -13.22 -2.86 3.51
CA VAL A 338 -13.76 -4.14 3.07
C VAL A 338 -15.10 -3.99 2.37
N THR A 339 -15.89 -3.01 2.81
CA THR A 339 -17.18 -2.73 2.21
C THR A 339 -17.08 -1.87 0.95
N GLY A 340 -15.87 -1.47 0.53
CA GLY A 340 -15.69 -0.71 -0.72
C GLY A 340 -15.68 0.81 -0.57
N SER A 341 -15.66 1.30 0.66
CA SER A 341 -15.66 2.72 0.93
C SER A 341 -14.24 3.28 0.80
N VAL A 342 -14.16 4.59 0.59
CA VAL A 342 -12.89 5.31 0.39
C VAL A 342 -12.93 6.63 1.15
N ALA A 343 -11.83 6.95 1.84
CA ALA A 343 -11.69 8.21 2.61
C ALA A 343 -10.35 8.89 2.35
N ILE A 344 -10.35 10.21 2.37
CA ILE A 344 -9.10 10.97 2.41
C ILE A 344 -9.05 11.81 3.69
N TYR A 345 -7.94 11.68 4.41
CA TYR A 345 -7.69 12.43 5.63
C TYR A 345 -6.54 13.38 5.43
N ILE A 346 -6.50 14.41 6.25
CA ILE A 346 -5.33 15.27 6.34
C ILE A 346 -4.46 14.63 7.41
N ALA A 347 -3.20 14.37 7.05
CA ALA A 347 -2.34 13.50 7.84
C ALA A 347 -1.88 14.15 9.14
N PHE A 348 -1.56 15.43 9.10
CA PHE A 348 -1.10 16.14 10.29
C PHE A 348 -2.10 16.05 11.43
N SER A 349 -3.38 16.27 11.13
CA SER A 349 -4.42 16.30 12.15
C SER A 349 -5.43 15.14 12.15
N LEU A 350 -5.30 14.19 11.22
CA LEU A 350 -6.26 13.06 11.06
C LEU A 350 -7.72 13.52 10.91
N GLN A 351 -7.91 14.56 10.13
CA GLN A 351 -9.22 15.13 9.86
C GLN A 351 -9.65 14.55 8.53
N CYS A 352 -10.89 14.06 8.45
CA CYS A 352 -11.44 13.57 7.19
C CYS A 352 -11.78 14.73 6.27
N LEU A 353 -11.27 14.68 5.04
CA LEU A 353 -11.62 15.65 4.00
C LEU A 353 -12.66 15.15 2.99
N TYR A 354 -12.83 13.84 2.93
CA TYR A 354 -13.57 13.21 1.85
C TYR A 354 -13.88 11.78 2.25
N TYR A 355 -15.12 11.37 2.03
CA TYR A 355 -15.57 10.01 2.30
C TYR A 355 -16.69 9.69 1.33
N VAL A 356 -16.60 8.52 0.71
CA VAL A 356 -17.69 7.97 -0.10
C VAL A 356 -17.90 6.51 0.33
N ARG A 357 -19.10 6.20 0.81
CA ARG A 357 -19.43 4.86 1.27
C ARG A 357 -19.66 3.97 0.08
N GLU A 358 -19.09 2.76 0.13
CA GLU A 358 -19.24 1.73 -0.91
C GLU A 358 -19.08 2.31 -2.31
N ALA A 359 -17.96 2.99 -2.51
CA ALA A 359 -17.61 3.50 -3.81
C ALA A 359 -17.42 2.31 -4.75
N HIS A 360 -16.80 1.24 -4.25
CA HIS A 360 -16.78 -0.06 -4.90
C HIS A 360 -17.81 -0.99 -4.24
N GLY A 361 -18.07 -2.12 -4.90
CA GLY A 361 -19.04 -3.09 -4.40
C GLY A 361 -18.49 -4.02 -3.34
N ILE A 362 -17.18 -4.01 -3.16
CA ILE A 362 -16.49 -5.09 -2.50
C ILE A 362 -15.14 -4.51 -2.04
N VAL A 363 -14.38 -5.26 -1.26
CA VAL A 363 -13.12 -4.75 -0.68
C VAL A 363 -12.25 -3.89 -1.59
N VAL A 364 -11.84 -2.73 -1.06
CA VAL A 364 -10.84 -1.87 -1.67
C VAL A 364 -9.49 -2.47 -1.29
N THR A 365 -8.75 -2.92 -2.29
CA THR A 365 -7.53 -3.67 -2.07
C THR A 365 -6.31 -2.79 -1.95
N ASP A 366 -6.34 -1.63 -2.60
CA ASP A 366 -5.22 -0.67 -2.49
C ASP A 366 -5.72 0.71 -2.91
N VAL A 367 -5.05 1.75 -2.41
CA VAL A 367 -5.24 3.13 -2.90
C VAL A 367 -3.88 3.81 -3.12
N ALA A 368 -3.89 4.87 -3.92
CA ALA A 368 -2.65 5.58 -4.29
C ALA A 368 -2.94 7.00 -4.75
N PHE A 369 -2.22 7.98 -4.20
CA PHE A 369 -2.41 9.36 -4.58
C PHE A 369 -1.73 9.66 -5.90
N LEU A 370 -2.27 10.63 -6.62
CA LEU A 370 -1.58 11.21 -7.76
C LEU A 370 -0.35 11.93 -7.23
N PRO A 371 0.86 11.61 -7.76
CA PRO A 371 2.05 12.29 -7.26
C PRO A 371 2.00 13.79 -7.42
N GLU A 372 2.60 14.49 -6.45
CA GLU A 372 2.72 15.94 -6.48
C GLU A 372 3.88 16.40 -7.38
N LYS A 373 4.81 15.49 -7.71
CA LYS A 373 5.91 15.78 -8.63
C LYS A 373 5.68 15.12 -9.99
N GLY A 374 6.51 15.50 -10.97
CA GLY A 374 6.53 14.88 -12.30
C GLY A 374 5.37 15.29 -13.19
N ARG A 375 4.81 14.31 -13.89
CA ARG A 375 3.68 14.52 -14.80
C ARG A 375 2.36 14.81 -14.07
N GLY A 376 2.28 14.45 -12.79
CA GLY A 376 1.09 14.62 -11.94
C GLY A 376 0.41 15.99 -11.86
N PRO A 377 1.14 17.04 -11.46
CA PRO A 377 0.62 18.43 -11.44
C PRO A 377 -0.18 18.86 -12.68
N GLU A 378 0.36 18.57 -13.87
CA GLU A 378 -0.32 18.84 -15.14
C GLU A 378 -1.69 18.16 -15.23
N LEU A 379 -1.73 16.90 -14.78
CA LEU A 379 -2.97 16.10 -14.81
C LEU A 379 -3.99 16.54 -13.76
N LEU A 380 -3.50 16.91 -12.58
CA LEU A 380 -4.34 17.31 -11.45
C LEU A 380 -5.20 18.55 -11.77
N GLY A 381 -4.58 19.55 -12.40
CA GLY A 381 -5.26 20.78 -12.74
C GLY A 381 -5.53 21.62 -11.50
N SER A 382 -6.74 22.16 -11.42
CA SER A 382 -7.14 23.01 -10.28
C SER A 382 -7.41 22.24 -8.98
N HIS A 383 -7.59 20.92 -9.06
CA HIS A 383 -7.92 20.10 -7.89
C HIS A 383 -6.76 20.00 -6.92
N GLU A 384 -7.07 19.79 -5.64
CA GLU A 384 -6.05 19.81 -4.58
C GLU A 384 -5.22 18.52 -4.53
N THR A 385 -5.89 17.39 -4.64
CA THR A 385 -5.23 16.10 -4.79
C THR A 385 -6.18 15.12 -5.46
N ALA A 386 -5.65 13.96 -5.81
CA ALA A 386 -6.44 12.88 -6.42
C ALA A 386 -6.00 11.55 -5.84
N LEU A 387 -6.98 10.77 -5.39
CA LEU A 387 -6.76 9.40 -4.93
C LEU A 387 -7.36 8.44 -5.93
N PHE A 388 -6.59 7.44 -6.31
CA PHE A 388 -7.09 6.32 -7.08
C PHE A 388 -7.34 5.17 -6.12
N SER A 389 -8.43 4.44 -6.33
CA SER A 389 -8.72 3.23 -5.60
C SER A 389 -8.90 2.07 -6.56
N VAL A 390 -8.48 0.89 -6.12
CA VAL A 390 -8.76 -0.36 -6.82
C VAL A 390 -9.41 -1.39 -5.90
N ALA A 391 -10.12 -2.32 -6.52
CA ALA A 391 -10.88 -3.32 -5.78
C ALA A 391 -11.01 -4.63 -6.54
N VAL A 392 -11.49 -5.62 -5.79
CA VAL A 392 -11.78 -6.96 -6.31
C VAL A 392 -12.84 -6.94 -7.43
N ASP A 393 -13.65 -5.87 -7.50
CA ASP A 393 -14.56 -5.65 -8.65
C ASP A 393 -13.86 -5.29 -9.98
N SER A 394 -12.52 -5.25 -9.98
CA SER A 394 -11.73 -5.10 -11.21
C SER A 394 -11.71 -3.66 -11.71
N ARG A 395 -12.14 -2.71 -10.88
CA ARG A 395 -12.31 -1.33 -11.30
C ARG A 395 -11.33 -0.40 -10.60
N CYS A 396 -10.94 0.65 -11.31
CA CYS A 396 -10.13 1.71 -10.76
C CYS A 396 -10.97 2.96 -10.75
N GLN A 397 -11.16 3.55 -9.58
CA GLN A 397 -11.92 4.79 -9.45
C GLN A 397 -11.00 5.98 -9.17
N LEU A 398 -11.44 7.16 -9.60
CA LEU A 398 -10.78 8.42 -9.32
C LEU A 398 -11.55 9.16 -8.24
N HIS A 399 -10.84 9.76 -7.30
CA HIS A 399 -11.45 10.56 -6.25
C HIS A 399 -10.76 11.91 -6.16
N LEU A 400 -11.46 12.97 -6.56
CA LEU A 400 -10.91 14.33 -6.61
C LEU A 400 -11.36 15.17 -5.42
N LEU A 401 -10.42 15.79 -4.72
CA LEU A 401 -10.74 16.83 -3.77
C LEU A 401 -10.99 18.15 -4.50
N PRO A 402 -11.93 18.97 -3.98
CA PRO A 402 -12.18 20.31 -4.51
C PRO A 402 -10.94 21.21 -4.53
N SER A 403 -10.94 22.18 -5.44
CA SER A 403 -9.93 23.24 -5.48
C SER A 403 -9.99 24.12 -4.22
N ARG A 404 -8.83 24.64 -3.81
CA ARG A 404 -8.71 25.55 -2.66
C ARG A 404 -9.09 24.88 -1.34
#